data_7VTW
#
_entry.id   7VTW
#
_cell.length_a   75.851
_cell.length_b   131.750
_cell.length_c   101.358
_cell.angle_alpha   90.000
_cell.angle_beta   90.000
_cell.angle_gamma   90.000
#
_symmetry.space_group_name_H-M   'C 2 2 21'
#
loop_
_entity.id
_entity.type
_entity.pdbx_description
1 polymer "High affinity cAMP-specific and IBMX-insensitive 3',5'-cyclic phosphodiesterase 8A"
2 non-polymer 'ZINC ION'
3 non-polymer 'MAGNESIUM ION'
4 non-polymer 2-chloro-9-(3-(2,2-difluoroethoxy)-5-isopropoxybenzyl)-9H-purin-6-amine
5 water water
#
_entity_poly.entity_id   1
_entity_poly.type   'polypeptide(L)'
_entity_poly.pdbx_seq_one_letter_code
;DDVPPRIARAMENEEYWDFDIFELEAATHNRPLIYLGLKMFARFGICEFLHCSESTLRSWLQIIEANYHSSNPYHNSTHS
ADVLHATAYFLSKERIKETLDPIDEVAALIAATIHDVDHPGRTNSFLCNAGSELAILYNDTAVLESHHAALAFQLTTGDD
KCNIFKNMERNDYRTLRQGIIDMVLATEMTKHFEHVNKFVNSINKPLATLEENGETDKNQEVINTMLRTPENRTLIKRML
IKCADVSNPCRPLQYCIEWAARISEEYFSQTDEEKQQGLPVVMPVFDRNTCSIPKSQISFIDYFITDMFDAWDAFVDLPD
LMQHLDNNFKYWKGLDEM
;
_entity_poly.pdbx_strand_id   A
#
# COMPACT_ATOMS: atom_id res chain seq x y z
N ASP A 1 21.41 -7.48 -13.00
CA ASP A 1 22.62 -7.13 -12.17
C ASP A 1 23.05 -8.31 -11.28
N ASP A 2 24.21 -8.16 -10.65
CA ASP A 2 24.78 -9.22 -9.81
C ASP A 2 24.04 -9.36 -8.48
N VAL A 3 22.92 -10.08 -8.52
CA VAL A 3 22.12 -10.41 -7.34
C VAL A 3 22.48 -11.85 -6.92
N PRO A 4 22.46 -12.16 -5.61
CA PRO A 4 22.60 -13.56 -5.18
C PRO A 4 21.49 -14.49 -5.69
N PRO A 5 21.75 -15.81 -5.75
CA PRO A 5 20.85 -16.75 -6.41
C PRO A 5 19.49 -16.96 -5.72
N ARG A 6 19.50 -17.13 -4.40
CA ARG A 6 18.27 -17.32 -3.62
C ARG A 6 17.35 -16.10 -3.72
N ILE A 7 17.92 -14.91 -3.69
CA ILE A 7 17.18 -13.66 -3.84
C ILE A 7 16.67 -13.52 -5.29
N ALA A 8 17.49 -13.95 -6.25
CA ALA A 8 17.08 -13.99 -7.67
C ALA A 8 15.93 -14.97 -7.91
N ARG A 9 16.02 -16.15 -7.30
CA ARG A 9 14.93 -17.14 -7.36
C ARG A 9 13.68 -16.69 -6.58
N ALA A 10 13.89 -15.97 -5.48
CA ALA A 10 12.80 -15.39 -4.69
C ALA A 10 11.99 -14.35 -5.48
N MET A 11 12.65 -13.64 -6.40
CA MET A 11 11.98 -12.69 -7.30
C MET A 11 11.82 -13.29 -8.71
N GLU A 12 11.40 -14.54 -8.79
CA GLU A 12 11.25 -15.24 -10.07
C GLU A 12 9.98 -14.81 -10.78
N ASN A 13 8.84 -15.04 -10.11
CA ASN A 13 7.51 -14.77 -10.67
C ASN A 13 6.86 -13.55 -10.01
N GLU A 14 7.58 -12.43 -10.05
CA GLU A 14 7.12 -11.18 -9.42
C GLU A 14 5.95 -10.51 -10.15
N GLU A 15 5.79 -10.78 -11.45
CA GLU A 15 4.62 -10.30 -12.20
C GLU A 15 3.30 -10.96 -11.79
N TYR A 16 3.37 -12.20 -11.28
CA TYR A 16 2.20 -12.95 -10.82
C TYR A 16 1.72 -12.47 -9.44
N TRP A 17 0.46 -12.79 -9.12
CA TRP A 17 -0.12 -12.47 -7.81
C TRP A 17 0.42 -13.40 -6.72
N ASP A 18 0.44 -14.70 -7.02
CA ASP A 18 1.02 -15.70 -6.12
C ASP A 18 2.53 -15.50 -6.06
N PHE A 19 3.00 -14.89 -4.97
CA PHE A 19 4.40 -14.51 -4.80
C PHE A 19 4.84 -14.71 -3.36
N ASP A 20 5.98 -15.39 -3.17
CA ASP A 20 6.50 -15.70 -1.84
C ASP A 20 7.34 -14.53 -1.33
N ILE A 21 6.66 -13.57 -0.70
CA ILE A 21 7.29 -12.38 -0.13
C ILE A 21 8.14 -12.70 1.10
N PHE A 22 7.75 -13.74 1.85
CA PHE A 22 8.47 -14.13 3.08
C PHE A 22 9.73 -14.92 2.78
N GLU A 23 9.74 -15.66 1.66
CA GLU A 23 10.97 -16.26 1.13
C GLU A 23 11.96 -15.17 0.71
N LEU A 24 11.46 -14.11 0.09
CA LEU A 24 12.28 -12.94 -0.25
C LEU A 24 12.78 -12.21 1.01
N GLU A 25 11.91 -12.11 2.01
CA GLU A 25 12.28 -11.56 3.33
C GLU A 25 13.38 -12.38 4.00
N ALA A 26 13.22 -13.71 4.00
CA ALA A 26 14.21 -14.63 4.57
C ALA A 26 15.52 -14.62 3.79
N ALA A 27 15.41 -14.58 2.46
CA ALA A 27 16.59 -14.56 1.58
C ALA A 27 17.40 -13.27 1.69
N THR A 28 16.70 -12.13 1.71
CA THR A 28 17.36 -10.81 1.75
C THR A 28 17.80 -10.35 3.16
N HIS A 29 17.42 -11.09 4.20
CA HIS A 29 17.79 -10.79 5.60
C HIS A 29 17.16 -9.48 6.06
N ASN A 30 15.84 -9.40 5.91
CA ASN A 30 15.05 -8.19 6.16
C ASN A 30 15.53 -6.99 5.33
N ARG A 31 15.78 -7.26 4.04
CA ARG A 31 16.03 -6.21 3.04
C ARG A 31 15.25 -6.50 1.74
N PRO A 32 13.93 -6.80 1.84
CA PRO A 32 13.15 -7.10 0.64
C PRO A 32 12.86 -5.90 -0.27
N LEU A 33 12.79 -4.70 0.31
CA LEU A 33 12.38 -3.51 -0.44
C LEU A 33 13.44 -3.01 -1.44
N ILE A 34 14.71 -3.12 -1.08
CA ILE A 34 15.81 -2.70 -1.98
C ILE A 34 15.94 -3.60 -3.22
N TYR A 35 15.85 -4.91 -3.03
CA TYR A 35 15.99 -5.86 -4.15
C TYR A 35 14.76 -5.86 -5.05
N LEU A 36 13.58 -5.90 -4.44
CA LEU A 36 12.31 -5.80 -5.17
C LEU A 36 12.10 -4.39 -5.78
N GLY A 37 12.63 -3.37 -5.11
CA GLY A 37 12.55 -2.00 -5.61
C GLY A 37 13.35 -1.79 -6.89
N LEU A 38 14.60 -2.25 -6.87
CA LEU A 38 15.49 -2.15 -8.05
C LEU A 38 14.90 -2.83 -9.29
N LYS A 39 14.27 -3.98 -9.10
CA LYS A 39 13.64 -4.72 -10.21
C LYS A 39 12.38 -4.01 -10.72
N MET A 40 11.50 -3.63 -9.80
CA MET A 40 10.23 -2.97 -10.17
C MET A 40 10.43 -1.58 -10.79
N PHE A 41 11.39 -0.82 -10.27
CA PHE A 41 11.73 0.50 -10.84
C PHE A 41 12.36 0.37 -12.24
N ALA A 42 13.19 -0.66 -12.42
CA ALA A 42 13.79 -0.96 -13.72
C ALA A 42 12.78 -1.48 -14.76
N ARG A 43 11.80 -2.27 -14.31
N ARG A 43 11.79 -2.26 -14.33
CA ARG A 43 10.78 -2.83 -15.21
CA ARG A 43 10.78 -2.83 -15.21
C ARG A 43 9.87 -1.74 -15.79
C ARG A 43 9.87 -1.74 -15.79
N PHE A 44 9.37 -0.86 -14.92
CA PHE A 44 8.59 0.30 -15.36
C PHE A 44 9.47 1.38 -16.01
N GLY A 45 10.74 1.45 -15.60
CA GLY A 45 11.69 2.42 -16.15
C GLY A 45 11.53 3.76 -15.47
N ILE A 46 11.57 3.75 -14.15
CA ILE A 46 11.29 4.93 -13.33
C ILE A 46 12.47 5.91 -13.33
N CYS A 47 13.69 5.39 -13.23
CA CYS A 47 14.89 6.25 -13.31
C CYS A 47 15.13 6.85 -14.71
N GLU A 48 14.61 6.20 -15.75
CA GLU A 48 14.59 6.78 -17.10
C GLU A 48 13.63 7.97 -17.17
N PHE A 49 12.50 7.88 -16.46
CA PHE A 49 11.54 8.99 -16.32
C PHE A 49 12.10 10.10 -15.44
N LEU A 50 12.60 9.72 -14.27
CA LEU A 50 13.14 10.68 -13.29
C LEU A 50 14.54 11.23 -13.62
N HIS A 51 15.25 10.55 -14.53
CA HIS A 51 16.64 10.89 -14.91
C HIS A 51 17.60 10.73 -13.72
N CYS A 52 17.59 9.54 -13.12
CA CYS A 52 18.54 9.16 -12.06
C CYS A 52 19.40 7.97 -12.51
N SER A 53 20.54 7.82 -11.85
CA SER A 53 21.41 6.66 -12.06
C SER A 53 20.96 5.51 -11.16
N GLU A 54 21.53 4.33 -11.38
CA GLU A 54 21.26 3.15 -10.55
C GLU A 54 21.83 3.31 -9.14
N SER A 55 22.95 4.01 -9.01
CA SER A 55 23.58 4.29 -7.72
C SER A 55 22.72 5.21 -6.83
N THR A 56 22.05 6.18 -7.46
CA THR A 56 21.10 7.06 -6.76
C THR A 56 19.90 6.29 -6.23
N LEU A 57 19.40 5.34 -7.05
CA LEU A 57 18.27 4.50 -6.67
C LEU A 57 18.60 3.53 -5.53
N ARG A 58 19.80 2.96 -5.56
CA ARG A 58 20.26 2.07 -4.48
C ARG A 58 20.38 2.79 -3.14
N SER A 59 20.97 3.99 -3.16
CA SER A 59 21.09 4.83 -1.96
C SER A 59 19.72 5.31 -1.45
N TRP A 60 18.79 5.56 -2.38
CA TRP A 60 17.43 5.97 -2.03
C TRP A 60 16.64 4.85 -1.35
N LEU A 61 16.71 3.65 -1.90
CA LEU A 61 16.03 2.48 -1.34
C LEU A 61 16.63 2.01 0.00
N GLN A 62 17.93 2.21 0.20
CA GLN A 62 18.62 1.78 1.43
C GLN A 62 18.24 2.65 2.62
N ILE A 63 18.35 3.98 2.45
CA ILE A 63 18.07 4.94 3.54
C ILE A 63 16.61 4.91 3.99
N ILE A 64 15.69 4.64 3.06
CA ILE A 64 14.26 4.51 3.39
C ILE A 64 14.01 3.18 4.10
N GLU A 65 14.51 2.09 3.52
CA GLU A 65 14.41 0.75 4.13
C GLU A 65 15.08 0.66 5.50
N ALA A 66 16.16 1.41 5.70
CA ALA A 66 16.83 1.51 7.00
C ALA A 66 15.92 2.11 8.07
N ASN A 67 15.16 3.15 7.68
CA ASN A 67 14.21 3.80 8.60
C ASN A 67 12.93 3.00 8.88
N TYR A 68 12.67 1.93 8.12
CA TYR A 68 11.65 0.95 8.49
C TYR A 68 12.13 0.12 9.68
N HIS A 69 11.28 0.00 10.70
CA HIS A 69 11.63 -0.67 11.95
C HIS A 69 11.52 -2.18 11.79
N SER A 70 12.63 -2.89 11.97
CA SER A 70 12.65 -4.37 11.91
C SER A 70 11.92 -5.00 13.10
N SER A 71 11.95 -4.34 14.25
CA SER A 71 11.29 -4.83 15.48
C SER A 71 9.76 -4.96 15.37
N ASN A 72 9.13 -4.12 14.53
CA ASN A 72 7.69 -4.24 14.26
C ASN A 72 7.38 -5.55 13.53
N PRO A 73 6.39 -6.32 14.02
CA PRO A 73 6.01 -7.54 13.30
C PRO A 73 5.47 -7.27 11.89
N TYR A 74 4.47 -6.39 11.81
CA TYR A 74 3.78 -6.09 10.54
C TYR A 74 4.41 -4.90 9.81
N HIS A 75 4.35 -3.72 10.43
CA HIS A 75 4.76 -2.47 9.77
C HIS A 75 6.29 -2.36 9.69
N ASN A 76 6.85 -3.05 8.70
CA ASN A 76 8.29 -3.05 8.43
C ASN A 76 8.53 -3.01 6.92
N SER A 77 9.79 -3.13 6.49
CA SER A 77 10.15 -3.11 5.06
C SER A 77 9.46 -4.18 4.22
N THR A 78 9.19 -5.35 4.81
CA THR A 78 8.52 -6.45 4.09
C THR A 78 7.07 -6.15 3.75
N HIS A 79 6.39 -5.37 4.59
CA HIS A 79 5.03 -4.93 4.29
C HIS A 79 5.02 -4.03 3.05
N SER A 80 5.84 -2.99 3.07
CA SER A 80 5.95 -2.04 1.96
C SER A 80 6.42 -2.68 0.65
N ALA A 81 7.23 -3.73 0.76
CA ALA A 81 7.61 -4.54 -0.40
C ALA A 81 6.41 -5.31 -0.98
N ASP A 82 5.58 -5.85 -0.09
CA ASP A 82 4.32 -6.52 -0.48
C ASP A 82 3.30 -5.52 -1.03
N VAL A 83 3.25 -4.31 -0.45
CA VAL A 83 2.38 -3.23 -0.93
C VAL A 83 2.90 -2.68 -2.27
N LEU A 84 4.22 -2.64 -2.45
CA LEU A 84 4.84 -2.29 -3.73
C LEU A 84 4.54 -3.34 -4.80
N HIS A 85 4.54 -4.61 -4.40
CA HIS A 85 4.16 -5.73 -5.29
C HIS A 85 2.67 -5.66 -5.69
N ALA A 86 1.82 -5.33 -4.72
CA ALA A 86 0.38 -5.14 -4.97
C ALA A 86 0.12 -3.97 -5.91
N THR A 87 0.84 -2.87 -5.70
CA THR A 87 0.76 -1.68 -6.55
C THR A 87 1.17 -1.99 -8.00
N ALA A 88 2.34 -2.61 -8.15
CA ALA A 88 2.87 -3.01 -9.46
C ALA A 88 1.94 -3.96 -10.23
N TYR A 89 1.26 -4.84 -9.49
CA TYR A 89 0.27 -5.76 -10.07
C TYR A 89 -0.93 -5.02 -10.66
N PHE A 90 -1.44 -4.03 -9.91
CA PHE A 90 -2.59 -3.24 -10.36
C PHE A 90 -2.25 -2.32 -11.54
N LEU A 91 -1.06 -1.72 -11.48
CA LEU A 91 -0.56 -0.91 -12.60
C LEU A 91 -0.39 -1.73 -13.89
N SER A 92 0.02 -2.99 -13.74
CA SER A 92 0.20 -3.91 -14.87
C SER A 92 -1.10 -4.34 -15.56
N LYS A 93 -2.24 -4.22 -14.88
CA LYS A 93 -3.55 -4.54 -15.46
C LYS A 93 -3.96 -3.51 -16.54
N GLU A 94 -4.82 -3.95 -17.44
CA GLU A 94 -5.17 -3.18 -18.65
C GLU A 94 -5.99 -1.92 -18.36
N ARG A 95 -6.91 -2.00 -17.41
CA ARG A 95 -7.75 -0.86 -17.03
C ARG A 95 -6.92 0.33 -16.53
N ILE A 96 -5.91 0.05 -15.72
CA ILE A 96 -5.06 1.08 -15.11
C ILE A 96 -4.08 1.66 -16.13
N LYS A 97 -3.56 0.83 -17.03
CA LYS A 97 -2.72 1.30 -18.14
C LYS A 97 -3.45 2.32 -19.02
N GLU A 98 -4.67 1.95 -19.45
CA GLU A 98 -5.51 2.81 -20.29
C GLU A 98 -5.88 4.14 -19.63
N THR A 99 -6.12 4.10 -18.32
CA THR A 99 -6.59 5.28 -17.57
C THR A 99 -5.44 6.19 -17.14
N LEU A 100 -4.51 5.64 -16.35
CA LEU A 100 -3.45 6.44 -15.72
C LEU A 100 -2.29 6.74 -16.66
N ASP A 101 -1.63 7.86 -16.41
CA ASP A 101 -0.44 8.30 -17.18
C ASP A 101 0.84 7.72 -16.56
N PRO A 102 1.98 7.81 -17.28
CA PRO A 102 3.27 7.38 -16.70
C PRO A 102 3.70 8.09 -15.40
N ILE A 103 3.33 9.37 -15.26
CA ILE A 103 3.61 10.12 -14.01
C ILE A 103 2.86 9.54 -12.80
N ASP A 104 1.69 8.96 -13.02
CA ASP A 104 0.90 8.34 -11.96
C ASP A 104 1.49 6.98 -11.56
N GLU A 105 2.03 6.25 -12.53
CA GLU A 105 2.71 4.96 -12.28
C GLU A 105 3.96 5.16 -11.42
N VAL A 106 4.70 6.23 -11.69
CA VAL A 106 5.88 6.60 -10.90
C VAL A 106 5.45 7.06 -9.50
N ALA A 107 4.39 7.86 -9.45
CA ALA A 107 3.81 8.33 -8.17
C ALA A 107 3.29 7.18 -7.31
N ALA A 108 2.68 6.17 -7.95
CA ALA A 108 2.13 5.02 -7.25
C ALA A 108 3.21 4.13 -6.64
N LEU A 109 4.23 3.79 -7.43
CA LEU A 109 5.32 2.91 -6.99
C LEU A 109 6.23 3.57 -5.94
N ILE A 110 6.44 4.88 -6.03
CA ILE A 110 7.20 5.62 -5.01
C ILE A 110 6.39 5.75 -3.71
N ALA A 111 5.09 6.04 -3.83
CA ALA A 111 4.22 6.19 -2.67
C ALA A 111 4.16 4.91 -1.82
N ALA A 112 3.96 3.78 -2.48
CA ALA A 112 3.92 2.46 -1.81
C ALA A 112 5.21 2.14 -1.05
N THR A 113 6.35 2.50 -1.63
CA THR A 113 7.66 2.30 -1.01
C THR A 113 7.80 3.05 0.32
N ILE A 114 7.32 4.30 0.35
CA ILE A 114 7.50 5.20 1.50
C ILE A 114 6.31 5.29 2.47
N HIS A 115 5.15 4.74 2.10
CA HIS A 115 3.89 5.00 2.82
C HIS A 115 3.83 4.69 4.32
N ASP A 116 4.72 3.84 4.82
CA ASP A 116 4.86 3.58 6.28
C ASP A 116 6.29 3.71 6.77
N VAL A 117 7.08 4.61 6.19
CA VAL A 117 8.49 4.79 6.61
C VAL A 117 8.52 5.38 8.03
N ASP A 118 9.30 4.74 8.91
CA ASP A 118 9.38 5.10 10.33
C ASP A 118 8.03 4.96 11.05
N HIS A 119 7.43 3.78 10.91
CA HIS A 119 6.22 3.40 11.61
C HIS A 119 6.66 2.82 12.96
N PRO A 120 6.10 3.30 14.10
CA PRO A 120 6.54 2.83 15.42
C PRO A 120 5.78 1.60 15.97
N GLY A 121 5.14 0.82 15.10
CA GLY A 121 4.23 -0.25 15.51
C GLY A 121 3.03 0.18 16.34
N ARG A 122 2.61 1.43 16.19
CA ARG A 122 1.55 2.03 17.02
C ARG A 122 0.62 2.92 16.17
N THR A 123 -0.65 2.95 16.52
CA THR A 123 -1.67 3.69 15.75
C THR A 123 -1.64 5.20 16.03
N ASN A 124 -2.39 5.95 15.24
CA ASN A 124 -2.57 7.40 15.44
C ASN A 124 -3.13 7.71 16.83
N SER A 125 -4.22 7.02 17.19
CA SER A 125 -4.91 7.20 18.47
C SER A 125 -4.02 6.97 19.70
N PHE A 126 -3.09 6.03 19.58
CA PHE A 126 -2.11 5.77 20.64
C PHE A 126 -1.22 6.99 20.91
N LEU A 127 -0.69 7.56 19.84
CA LEU A 127 0.24 8.70 19.92
C LEU A 127 -0.45 9.98 20.38
N CYS A 128 -1.70 10.17 19.96
CA CYS A 128 -2.53 11.31 20.41
C CYS A 128 -2.81 11.24 21.91
N ASN A 129 -3.24 10.07 22.39
CA ASN A 129 -3.50 9.85 23.82
C ASN A 129 -2.23 9.84 24.66
N ALA A 130 -1.16 9.25 24.14
CA ALA A 130 0.15 9.24 24.82
C ALA A 130 0.84 10.61 24.83
N GLY A 131 0.49 11.47 23.88
CA GLY A 131 1.09 12.80 23.76
C GLY A 131 2.49 12.72 23.18
N SER A 132 2.61 12.01 22.06
CA SER A 132 3.90 11.76 21.42
C SER A 132 4.44 13.01 20.73
N GLU A 133 5.73 12.97 20.37
CA GLU A 133 6.40 14.07 19.68
C GLU A 133 5.76 14.38 18.33
N LEU A 134 5.36 13.32 17.60
CA LEU A 134 4.70 13.47 16.29
C LEU A 134 3.24 13.90 16.42
N ALA A 135 2.54 13.43 17.45
CA ALA A 135 1.15 13.84 17.71
C ALA A 135 1.04 15.33 18.05
N ILE A 136 2.02 15.84 18.79
CA ILE A 136 2.12 17.28 19.07
C ILE A 136 2.56 18.03 17.82
N LEU A 137 3.49 17.45 17.06
CA LEU A 137 4.00 18.04 15.81
C LEU A 137 2.92 18.18 14.72
N TYR A 138 2.07 17.16 14.59
CA TYR A 138 1.02 17.14 13.56
C TYR A 138 -0.39 17.42 14.09
N ASN A 139 -0.51 17.78 15.37
CA ASN A 139 -1.76 18.29 15.96
C ASN A 139 -2.93 17.31 15.91
N ASP A 140 -2.65 16.03 16.19
CA ASP A 140 -3.65 14.94 16.18
C ASP A 140 -4.39 14.78 14.85
N THR A 141 -3.72 15.11 13.74
CA THR A 141 -4.33 15.10 12.41
C THR A 141 -3.39 14.39 11.44
N ALA A 142 -3.71 13.14 11.11
CA ALA A 142 -2.87 12.29 10.24
C ALA A 142 -1.44 12.23 10.78
N VAL A 143 -1.29 11.80 12.03
CA VAL A 143 -0.02 11.88 12.76
C VAL A 143 1.05 11.02 12.09
N LEU A 144 0.72 9.76 11.85
CA LEU A 144 1.62 8.84 11.15
C LEU A 144 1.74 9.16 9.66
N GLU A 145 0.59 9.34 9.00
CA GLU A 145 0.55 9.50 7.53
C GLU A 145 1.30 10.74 7.04
N SER A 146 1.20 11.84 7.78
CA SER A 146 1.98 13.04 7.49
C SER A 146 3.48 12.84 7.76
N HIS A 147 3.79 12.15 8.85
CA HIS A 147 5.19 11.83 9.21
C HIS A 147 5.90 10.93 8.18
N HIS A 148 5.14 10.00 7.58
CA HIS A 148 5.70 9.08 6.58
C HIS A 148 6.15 9.82 5.32
N ALA A 149 5.25 10.63 4.77
CA ALA A 149 5.55 11.41 3.57
C ALA A 149 6.62 12.48 3.82
N ALA A 150 6.49 13.20 4.93
CA ALA A 150 7.44 14.26 5.31
C ALA A 150 8.87 13.74 5.46
N LEU A 151 9.03 12.71 6.30
CA LEU A 151 10.35 12.10 6.54
C LEU A 151 10.96 11.52 5.25
N ALA A 152 10.12 10.94 4.40
CA ALA A 152 10.57 10.38 3.12
C ALA A 152 11.22 11.44 2.23
N PHE A 153 10.58 12.60 2.12
CA PHE A 153 11.13 13.73 1.36
C PHE A 153 12.32 14.40 2.06
N GLN A 154 12.34 14.39 3.39
CA GLN A 154 13.51 14.84 4.15
C GLN A 154 14.74 13.98 3.87
N LEU A 155 14.56 12.67 3.89
CA LEU A 155 15.65 11.71 3.61
C LEU A 155 16.06 11.70 2.14
N THR A 156 15.11 11.93 1.23
CA THR A 156 15.38 11.93 -0.21
C THR A 156 16.14 13.19 -0.64
N THR A 157 15.49 14.35 -0.54
CA THR A 157 16.05 15.61 -1.04
C THR A 157 17.14 16.22 -0.14
N GLY A 158 17.10 15.93 1.16
CA GLY A 158 18.07 16.45 2.13
C GLY A 158 19.51 16.08 1.83
N ASP A 159 19.73 14.84 1.40
CA ASP A 159 21.03 14.36 0.95
C ASP A 159 21.10 14.43 -0.57
N ASP A 160 22.29 14.67 -1.11
CA ASP A 160 22.50 14.81 -2.56
C ASP A 160 22.43 13.46 -3.28
N LYS A 161 23.16 12.49 -2.74
CA LYS A 161 23.21 11.13 -3.31
C LYS A 161 21.86 10.39 -3.23
N CYS A 162 21.09 10.63 -2.18
CA CYS A 162 19.77 10.01 -2.01
C CYS A 162 18.68 10.61 -2.89
N ASN A 163 18.84 11.86 -3.32
CA ASN A 163 17.82 12.57 -4.10
C ASN A 163 17.63 11.97 -5.49
N ILE A 164 16.49 11.30 -5.70
CA ILE A 164 16.11 10.73 -7.01
C ILE A 164 15.33 11.70 -7.90
N PHE A 165 15.02 12.89 -7.38
CA PHE A 165 14.28 13.92 -8.14
C PHE A 165 15.19 15.08 -8.60
N LYS A 166 16.51 14.90 -8.56
CA LYS A 166 17.45 16.03 -8.74
C LYS A 166 17.47 16.61 -10.16
N ASN A 167 17.31 15.76 -11.16
CA ASN A 167 17.36 16.17 -12.57
C ASN A 167 15.98 16.42 -13.21
N MET A 168 14.91 16.43 -12.41
CA MET A 168 13.56 16.72 -12.91
C MET A 168 13.40 18.22 -13.19
N GLU A 169 12.35 18.54 -13.94
CA GLU A 169 11.94 19.93 -14.17
C GLU A 169 11.20 20.46 -12.94
N ARG A 170 11.00 21.78 -12.91
CA ARG A 170 10.28 22.43 -11.81
C ARG A 170 8.81 22.04 -11.77
N ASN A 171 8.17 22.00 -12.93
CA ASN A 171 6.75 21.63 -13.05
C ASN A 171 6.50 20.13 -12.81
N ASP A 172 7.39 19.28 -13.34
CA ASP A 172 7.22 17.82 -13.24
C ASP A 172 7.35 17.30 -11.80
N TYR A 173 8.34 17.81 -11.07
CA TYR A 173 8.54 17.45 -9.66
C TYR A 173 7.39 17.90 -8.76
N ARG A 174 6.90 19.13 -9.00
CA ARG A 174 5.78 19.68 -8.24
C ARG A 174 4.49 18.85 -8.36
N THR A 175 4.22 18.36 -9.57
CA THR A 175 3.07 17.48 -9.82
C THR A 175 3.27 16.13 -9.15
N LEU A 176 4.45 15.54 -9.34
CA LEU A 176 4.80 14.24 -8.76
C LEU A 176 4.82 14.25 -7.23
N ARG A 177 5.31 15.36 -6.65
CA ARG A 177 5.30 15.56 -5.19
C ARG A 177 3.87 15.56 -4.64
N GLN A 178 3.01 16.35 -5.27
CA GLN A 178 1.59 16.44 -4.89
C GLN A 178 0.84 15.11 -5.11
N GLY A 179 1.25 14.34 -6.12
CA GLY A 179 0.70 13.01 -6.37
C GLY A 179 1.04 12.00 -5.28
N ILE A 180 2.31 11.94 -4.90
CA ILE A 180 2.79 11.00 -3.87
C ILE A 180 2.21 11.34 -2.50
N ILE A 181 2.28 12.63 -2.12
CA ILE A 181 1.74 13.12 -0.84
C ILE A 181 0.27 12.74 -0.66
N ASP A 182 -0.53 12.93 -1.72
CA ASP A 182 -1.95 12.61 -1.70
C ASP A 182 -2.21 11.11 -1.50
N MET A 183 -1.43 10.28 -2.20
CA MET A 183 -1.56 8.82 -2.09
C MET A 183 -1.12 8.28 -0.73
N VAL A 184 -0.08 8.89 -0.14
CA VAL A 184 0.38 8.53 1.20
C VAL A 184 -0.64 8.97 2.27
N LEU A 185 -1.18 10.17 2.13
CA LEU A 185 -2.23 10.67 3.03
C LEU A 185 -3.56 9.92 2.89
N ALA A 186 -3.81 9.35 1.70
CA ALA A 186 -5.03 8.56 1.45
C ALA A 186 -5.14 7.27 2.25
N THR A 187 -4.02 6.74 2.74
CA THR A 187 -3.99 5.50 3.52
C THR A 187 -4.51 5.62 4.96
N GLU A 188 -4.73 6.85 5.46
CA GLU A 188 -5.26 7.07 6.81
C GLU A 188 -6.66 6.45 6.96
N MET A 189 -6.93 5.90 8.13
CA MET A 189 -8.11 5.05 8.36
C MET A 189 -9.45 5.80 8.32
N THR A 190 -9.50 6.99 8.91
CA THR A 190 -10.76 7.74 9.06
C THR A 190 -11.39 8.23 7.75
N LYS A 191 -10.59 8.31 6.68
CA LYS A 191 -11.08 8.67 5.34
C LYS A 191 -11.42 7.45 4.46
N HIS A 192 -11.47 6.25 5.04
CA HIS A 192 -11.79 5.01 4.30
C HIS A 192 -13.07 5.16 3.48
N PHE A 193 -14.16 5.46 4.16
CA PHE A 193 -15.48 5.53 3.53
C PHE A 193 -15.66 6.74 2.63
N GLU A 194 -14.89 7.80 2.87
CA GLU A 194 -14.84 8.96 1.97
C GLU A 194 -14.23 8.56 0.63
N HIS A 195 -13.06 7.92 0.68
CA HIS A 195 -12.32 7.51 -0.52
C HIS A 195 -12.98 6.34 -1.28
N VAL A 196 -13.67 5.46 -0.54
CA VAL A 196 -14.39 4.34 -1.16
C VAL A 196 -15.65 4.82 -1.88
N ASN A 197 -16.46 5.64 -1.20
CA ASN A 197 -17.71 6.17 -1.79
C ASN A 197 -17.46 7.08 -3.00
N LYS A 198 -16.40 7.88 -2.96
CA LYS A 198 -16.01 8.71 -4.10
C LYS A 198 -15.65 7.87 -5.33
N PHE A 199 -14.98 6.74 -5.11
CA PHE A 199 -14.65 5.80 -6.19
C PHE A 199 -15.89 5.16 -6.81
N VAL A 200 -16.88 4.84 -5.97
CA VAL A 200 -18.16 4.27 -6.44
C VAL A 200 -18.98 5.30 -7.21
N ASN A 201 -19.17 6.48 -6.61
CA ASN A 201 -20.04 7.51 -7.17
C ASN A 201 -19.50 8.24 -8.41
N SER A 202 -18.18 8.44 -8.47
CA SER A 202 -17.55 9.21 -9.55
C SER A 202 -16.99 8.38 -10.71
N ILE A 203 -16.74 7.09 -10.48
CA ILE A 203 -16.13 6.21 -11.50
C ILE A 203 -17.04 5.04 -11.86
N ASN A 204 -17.31 4.15 -10.89
CA ASN A 204 -18.06 2.91 -11.16
C ASN A 204 -19.50 3.11 -11.63
N LYS A 205 -20.23 4.00 -10.95
CA LYS A 205 -21.64 4.25 -11.28
C LYS A 205 -21.83 4.96 -12.65
N PRO A 206 -21.01 5.99 -12.94
CA PRO A 206 -20.98 6.55 -14.30
C PRO A 206 -20.53 5.56 -15.39
N LEU A 207 -19.51 4.76 -15.09
CA LEU A 207 -19.01 3.73 -16.01
C LEU A 207 -20.05 2.63 -16.25
N ALA A 208 -20.81 2.28 -15.21
CA ALA A 208 -21.92 1.33 -15.33
C ALA A 208 -23.05 1.87 -16.21
N THR A 209 -23.29 3.18 -16.11
CA THR A 209 -24.28 3.87 -16.96
C THR A 209 -23.85 3.90 -18.43
N LEU A 210 -22.57 4.23 -18.67
CA LEU A 210 -22.02 4.33 -20.03
C LEU A 210 -21.93 2.99 -20.77
N GLU A 211 -21.88 1.88 -20.02
CA GLU A 211 -21.84 0.52 -20.63
C GLU A 211 -23.19 0.05 -21.21
N GLU A 212 -24.29 0.75 -20.91
CA GLU A 212 -25.62 0.37 -21.42
C GLU A 212 -25.75 0.52 -22.94
N ASN A 213 -25.10 1.54 -23.51
CA ASN A 213 -25.21 1.87 -24.93
C ASN A 213 -24.15 1.17 -25.80
N GLY A 214 -24.14 -0.16 -25.77
CA GLY A 214 -23.24 -0.97 -26.58
C GLY A 214 -21.77 -0.81 -26.24
N GLU A 215 -20.92 -1.13 -27.23
CA GLU A 215 -19.47 -0.97 -27.12
C GLU A 215 -18.95 -0.16 -28.32
N THR A 216 -19.62 0.95 -28.61
CA THR A 216 -19.30 1.78 -29.77
C THR A 216 -18.08 2.65 -29.51
N ASP A 217 -17.45 3.10 -30.61
CA ASP A 217 -16.22 3.93 -30.53
C ASP A 217 -16.49 5.34 -30.00
N LYS A 218 -17.69 5.87 -30.30
CA LYS A 218 -18.11 7.17 -29.76
C LYS A 218 -18.32 7.11 -28.24
N ASN A 219 -18.97 6.05 -27.77
CA ASN A 219 -19.21 5.84 -26.33
C ASN A 219 -17.94 5.44 -25.58
N GLN A 220 -17.07 4.65 -26.21
CA GLN A 220 -15.78 4.25 -25.63
C GLN A 220 -14.84 5.45 -25.44
N GLU A 221 -14.88 6.40 -26.38
CA GLU A 221 -14.10 7.63 -26.29
C GLU A 221 -14.59 8.54 -25.16
N VAL A 222 -15.90 8.53 -24.91
CA VAL A 222 -16.50 9.25 -23.77
C VAL A 222 -16.08 8.61 -22.44
N ILE A 223 -16.01 7.28 -22.40
CA ILE A 223 -15.47 6.55 -21.24
C ILE A 223 -13.99 6.86 -21.05
N ASN A 224 -13.24 6.94 -22.16
CA ASN A 224 -11.82 7.34 -22.11
C ASN A 224 -11.63 8.78 -21.63
N THR A 225 -12.49 9.68 -22.11
CA THR A 225 -12.42 11.09 -21.72
C THR A 225 -12.77 11.31 -20.24
N MET A 226 -13.80 10.62 -19.77
CA MET A 226 -14.32 10.78 -18.40
C MET A 226 -13.35 10.27 -17.33
N LEU A 227 -12.79 9.08 -17.57
CA LEU A 227 -11.86 8.45 -16.61
C LEU A 227 -10.50 9.16 -16.53
N ARG A 228 -9.98 9.60 -17.67
CA ARG A 228 -8.62 10.17 -17.74
C ARG A 228 -8.46 11.61 -17.20
N THR A 229 -9.56 12.24 -16.74
CA THR A 229 -9.48 13.58 -16.15
C THR A 229 -8.65 13.59 -14.85
N PRO A 230 -7.98 14.73 -14.55
CA PRO A 230 -7.11 14.81 -13.35
C PRO A 230 -7.77 14.41 -12.03
N GLU A 231 -9.04 14.80 -11.86
CA GLU A 231 -9.80 14.48 -10.64
C GLU A 231 -10.06 12.99 -10.49
N ASN A 232 -10.51 12.34 -11.57
CA ASN A 232 -10.78 10.89 -11.56
C ASN A 232 -9.51 10.03 -11.48
N ARG A 233 -8.43 10.47 -12.11
CA ARG A 233 -7.13 9.79 -11.99
C ARG A 233 -6.61 9.79 -10.54
N THR A 234 -6.87 10.89 -9.82
CA THR A 234 -6.56 10.99 -8.39
C THR A 234 -7.37 10.00 -7.55
N LEU A 235 -8.68 9.91 -7.82
CA LEU A 235 -9.58 8.98 -7.10
C LEU A 235 -9.23 7.50 -7.34
N ILE A 236 -8.71 7.18 -8.52
CA ILE A 236 -8.21 5.83 -8.83
C ILE A 236 -6.91 5.57 -8.07
N LYS A 237 -6.03 6.57 -8.03
CA LYS A 237 -4.78 6.49 -7.26
C LYS A 237 -5.03 6.30 -5.77
N ARG A 238 -5.97 7.07 -5.22
CA ARG A 238 -6.39 6.91 -3.81
C ARG A 238 -6.95 5.51 -3.52
N MET A 239 -7.72 4.98 -4.47
CA MET A 239 -8.29 3.64 -4.34
C MET A 239 -7.24 2.54 -4.50
N LEU A 240 -6.31 2.74 -5.43
CA LEU A 240 -5.26 1.74 -5.74
C LEU A 240 -4.27 1.57 -4.59
N ILE A 241 -3.83 2.69 -4.00
CA ILE A 241 -2.93 2.65 -2.83
C ILE A 241 -3.63 2.05 -1.60
N LYS A 242 -4.93 2.30 -1.45
CA LYS A 242 -5.73 1.73 -0.36
C LYS A 242 -5.90 0.21 -0.51
N CYS A 243 -6.16 -0.25 -1.73
CA CYS A 243 -6.28 -1.68 -2.02
C CYS A 243 -4.94 -2.39 -1.96
N ALA A 244 -3.89 -1.74 -2.46
CA ALA A 244 -2.53 -2.28 -2.39
C ALA A 244 -2.03 -2.42 -0.94
N ASP A 245 -2.43 -1.50 -0.07
CA ASP A 245 -2.02 -1.50 1.33
C ASP A 245 -2.58 -2.71 2.08
N VAL A 246 -3.90 -2.91 1.96
CA VAL A 246 -4.59 -4.03 2.64
C VAL A 246 -5.01 -5.12 1.64
N SER A 247 -4.03 -5.60 0.87
CA SER A 247 -4.23 -6.69 -0.08
C SER A 247 -4.06 -8.08 0.55
N ASN A 248 -3.54 -8.13 1.78
CA ASN A 248 -3.25 -9.41 2.46
C ASN A 248 -4.42 -10.41 2.65
N PRO A 249 -5.68 -9.92 2.79
CA PRO A 249 -6.79 -10.88 2.80
C PRO A 249 -7.09 -11.51 1.42
N CYS A 250 -6.67 -10.84 0.34
CA CYS A 250 -6.79 -11.36 -1.03
C CYS A 250 -5.53 -12.09 -1.53
N ARG A 251 -4.61 -12.43 -0.63
CA ARG A 251 -3.42 -13.22 -0.97
C ARG A 251 -3.71 -14.71 -0.81
N PRO A 252 -2.80 -15.59 -1.30
CA PRO A 252 -2.85 -17.02 -0.99
C PRO A 252 -2.93 -17.31 0.50
N LEU A 253 -3.58 -18.43 0.84
CA LEU A 253 -3.93 -18.75 2.23
C LEU A 253 -2.75 -18.77 3.19
N GLN A 254 -1.61 -19.29 2.74
CA GLN A 254 -0.39 -19.36 3.57
C GLN A 254 0.08 -17.95 3.96
N TYR A 255 0.11 -17.04 2.98
CA TYR A 255 0.58 -15.67 3.19
C TYR A 255 -0.44 -14.82 3.97
N CYS A 256 -1.72 -15.00 3.66
CA CYS A 256 -2.83 -14.36 4.37
C CYS A 256 -2.76 -14.56 5.89
N ILE A 257 -2.54 -15.80 6.30
CA ILE A 257 -2.46 -16.16 7.72
C ILE A 257 -1.26 -15.51 8.40
N GLU A 258 -0.13 -15.47 7.71
CA GLU A 258 1.10 -14.87 8.24
C GLU A 258 0.94 -13.37 8.49
N TRP A 259 0.30 -12.66 7.55
CA TRP A 259 -0.01 -11.23 7.73
C TRP A 259 -0.98 -10.97 8.88
N ALA A 260 -1.94 -11.89 9.07
CA ALA A 260 -2.92 -11.80 10.16
C ALA A 260 -2.27 -11.96 11.55
N ALA A 261 -1.27 -12.84 11.65
CA ALA A 261 -0.53 -13.03 12.90
C ALA A 261 0.31 -11.79 13.28
N ARG A 262 0.95 -11.19 12.27
CA ARG A 262 1.83 -10.03 12.49
C ARG A 262 1.08 -8.77 12.91
N ILE A 263 0.01 -8.45 12.20
CA ILE A 263 -0.83 -7.30 12.56
C ILE A 263 -1.50 -7.47 13.93
N SER A 264 -1.92 -8.69 14.25
CA SER A 264 -2.53 -9.00 15.54
C SER A 264 -1.53 -8.85 16.69
N GLU A 265 -0.37 -9.49 16.54
CA GLU A 265 0.74 -9.38 17.50
C GLU A 265 1.12 -7.92 17.78
N GLU A 266 1.12 -7.10 16.73
CA GLU A 266 1.42 -5.67 16.84
C GLU A 266 0.37 -4.92 17.66
N TYR A 267 -0.91 -5.25 17.47
CA TYR A 267 -2.00 -4.64 18.27
C TYR A 267 -2.05 -5.15 19.71
N PHE A 268 -1.61 -6.39 19.96
CA PHE A 268 -1.53 -6.92 21.32
C PHE A 268 -0.45 -6.22 22.13
N SER A 269 0.69 -5.92 21.49
CA SER A 269 1.78 -5.17 22.12
C SER A 269 1.39 -3.74 22.48
N GLN A 270 0.56 -3.11 21.63
CA GLN A 270 0.02 -1.78 21.92
C GLN A 270 -0.94 -1.81 23.10
N THR A 271 -1.85 -2.78 23.11
CA THR A 271 -2.85 -2.93 24.18
C THR A 271 -2.21 -3.25 25.53
N ASP A 272 -1.12 -4.03 25.53
CA ASP A 272 -0.33 -4.28 26.74
C ASP A 272 0.35 -3.00 27.25
N GLU A 273 0.88 -2.20 26.33
CA GLU A 273 1.51 -0.92 26.66
C GLU A 273 0.49 0.13 27.14
N GLU A 274 -0.71 0.12 26.55
CA GLU A 274 -1.79 1.02 26.96
C GLU A 274 -2.27 0.76 28.41
N LYS A 275 -2.34 -0.51 28.80
CA LYS A 275 -2.69 -0.90 30.17
C LYS A 275 -1.57 -0.59 31.18
N GLN A 276 -0.32 -0.79 30.77
CA GLN A 276 0.84 -0.58 31.65
C GLN A 276 1.03 0.90 32.01
N GLN A 277 1.09 1.75 30.98
CA GLN A 277 1.26 3.20 31.16
C GLN A 277 -0.01 3.89 31.70
N GLY A 278 -1.18 3.26 31.52
CA GLY A 278 -2.46 3.80 31.97
C GLY A 278 -3.15 4.66 30.92
N LEU A 279 -2.92 4.36 29.66
CA LEU A 279 -3.54 5.08 28.53
C LEU A 279 -4.94 4.53 28.28
N PRO A 280 -5.84 5.34 27.67
CA PRO A 280 -7.18 4.84 27.37
C PRO A 280 -7.16 3.77 26.28
N VAL A 281 -7.86 2.66 26.52
CA VAL A 281 -7.81 1.50 25.63
C VAL A 281 -8.70 1.74 24.40
N VAL A 282 -8.07 2.21 23.33
CA VAL A 282 -8.77 2.52 22.08
C VAL A 282 -9.13 1.28 21.24
N MET A 283 -8.29 0.23 21.32
CA MET A 283 -8.54 -1.04 20.63
C MET A 283 -8.71 -2.16 21.67
N PRO A 284 -9.89 -2.23 22.31
CA PRO A 284 -10.11 -3.23 23.37
C PRO A 284 -10.21 -4.68 22.91
N VAL A 285 -10.80 -4.91 21.73
CA VAL A 285 -10.95 -6.26 21.18
C VAL A 285 -9.62 -6.93 20.84
N PHE A 286 -8.62 -6.15 20.42
CA PHE A 286 -7.28 -6.67 20.11
C PHE A 286 -6.40 -6.78 21.37
N ASP A 287 -6.70 -7.77 22.20
CA ASP A 287 -5.89 -8.13 23.36
C ASP A 287 -5.52 -9.61 23.24
N ARG A 288 -4.23 -9.93 23.43
CA ARG A 288 -3.75 -11.33 23.35
C ARG A 288 -4.51 -12.30 24.27
N ASN A 289 -4.92 -11.82 25.44
CA ASN A 289 -5.63 -12.62 26.43
C ASN A 289 -7.12 -12.87 26.14
N THR A 290 -7.70 -12.13 25.18
CA THR A 290 -9.12 -12.32 24.79
C THR A 290 -9.45 -12.41 23.28
N CYS A 291 -8.51 -12.07 22.40
CA CYS A 291 -8.81 -11.91 20.98
C CYS A 291 -8.86 -13.24 20.23
N SER A 292 -9.96 -13.46 19.50
CA SER A 292 -10.05 -14.53 18.51
C SER A 292 -9.59 -13.96 17.17
N ILE A 293 -8.44 -14.40 16.70
CA ILE A 293 -7.88 -13.92 15.43
C ILE A 293 -8.75 -14.32 14.22
N PRO A 294 -9.21 -15.59 14.14
CA PRO A 294 -10.15 -15.95 13.06
C PRO A 294 -11.43 -15.10 13.00
N LYS A 295 -12.06 -14.89 14.15
CA LYS A 295 -13.27 -14.07 14.23
C LYS A 295 -13.01 -12.59 13.96
N SER A 296 -11.87 -12.08 14.44
CA SER A 296 -11.47 -10.69 14.21
C SER A 296 -11.21 -10.38 12.72
N GLN A 297 -10.59 -11.34 12.02
CA GLN A 297 -10.37 -11.22 10.57
C GLN A 297 -11.67 -11.22 9.77
N ILE A 298 -12.65 -12.02 10.21
CA ILE A 298 -13.99 -12.03 9.59
C ILE A 298 -14.67 -10.66 9.77
N SER A 299 -14.55 -10.09 10.96
CA SER A 299 -15.06 -8.74 11.25
C SER A 299 -14.33 -7.69 10.42
N PHE A 300 -13.01 -7.83 10.34
CA PHE A 300 -12.16 -6.92 9.54
C PHE A 300 -12.51 -6.96 8.05
N ILE A 301 -12.72 -8.15 7.51
CA ILE A 301 -13.06 -8.34 6.10
C ILE A 301 -14.45 -7.78 5.77
N ASP A 302 -15.44 -8.08 6.62
CA ASP A 302 -16.82 -7.59 6.43
C ASP A 302 -16.92 -6.06 6.46
N TYR A 303 -16.21 -5.43 7.38
CA TYR A 303 -16.33 -3.99 7.62
C TYR A 303 -15.64 -3.16 6.53
N PHE A 304 -14.35 -3.44 6.29
CA PHE A 304 -13.51 -2.66 5.39
C PHE A 304 -13.31 -3.29 4.00
N ILE A 305 -12.93 -4.56 3.99
CA ILE A 305 -12.34 -5.20 2.80
C ILE A 305 -13.36 -5.59 1.74
N THR A 306 -14.49 -6.16 2.18
CA THR A 306 -15.48 -6.73 1.25
C THR A 306 -16.02 -5.71 0.24
N ASP A 307 -16.47 -4.56 0.73
CA ASP A 307 -17.04 -3.51 -0.12
C ASP A 307 -15.98 -2.78 -0.95
N MET A 308 -14.79 -2.58 -0.37
CA MET A 308 -13.70 -1.88 -1.06
C MET A 308 -13.21 -2.66 -2.29
N PHE A 309 -12.81 -3.91 -2.07
CA PHE A 309 -12.33 -4.77 -3.15
C PHE A 309 -13.42 -5.16 -4.15
N ASP A 310 -14.70 -5.12 -3.74
CA ASP A 310 -15.82 -5.32 -4.65
C ASP A 310 -15.89 -4.17 -5.66
N ALA A 311 -15.78 -2.94 -5.17
CA ALA A 311 -15.71 -1.75 -6.03
C ALA A 311 -14.48 -1.76 -6.93
N TRP A 312 -13.33 -2.10 -6.34
CA TRP A 312 -12.05 -2.17 -7.06
C TRP A 312 -12.03 -3.31 -8.10
N ASP A 313 -12.71 -4.41 -7.79
CA ASP A 313 -12.84 -5.54 -8.71
C ASP A 313 -13.65 -5.21 -9.96
N ALA A 314 -14.79 -4.54 -9.77
CA ALA A 314 -15.66 -4.13 -10.89
C ALA A 314 -14.96 -3.24 -11.92
N PHE A 315 -14.05 -2.38 -11.44
CA PHE A 315 -13.28 -1.49 -12.30
C PHE A 315 -12.16 -2.23 -13.02
N VAL A 316 -11.29 -2.89 -12.23
CA VAL A 316 -10.04 -3.47 -12.74
C VAL A 316 -10.18 -4.90 -13.28
N ASP A 317 -11.14 -5.66 -12.76
CA ASP A 317 -11.31 -7.10 -13.02
C ASP A 317 -10.18 -7.93 -12.40
N LEU A 318 -10.43 -8.39 -11.18
CA LEU A 318 -9.44 -9.11 -10.37
C LEU A 318 -10.03 -10.44 -9.88
N PRO A 319 -10.21 -11.42 -10.78
CA PRO A 319 -10.78 -12.72 -10.38
C PRO A 319 -9.90 -13.53 -9.41
N ASP A 320 -8.58 -13.36 -9.49
CA ASP A 320 -7.65 -14.06 -8.59
C ASP A 320 -7.74 -13.56 -7.14
N LEU A 321 -7.82 -12.25 -6.98
CA LEU A 321 -7.91 -11.63 -5.65
C LEU A 321 -9.22 -11.96 -4.91
N MET A 322 -10.33 -11.91 -5.64
CA MET A 322 -11.65 -12.20 -5.07
C MET A 322 -11.85 -13.70 -4.80
N GLN A 323 -11.21 -14.55 -5.62
CA GLN A 323 -11.19 -16.00 -5.37
C GLN A 323 -10.39 -16.33 -4.11
N HIS A 324 -9.24 -15.67 -3.92
CA HIS A 324 -8.47 -15.78 -2.68
C HIS A 324 -9.23 -15.22 -1.48
N LEU A 325 -9.90 -14.08 -1.67
CA LEU A 325 -10.72 -13.46 -0.62
C LEU A 325 -11.81 -14.41 -0.10
N ASP A 326 -12.50 -15.08 -1.02
CA ASP A 326 -13.52 -16.07 -0.67
C ASP A 326 -12.93 -17.30 0.01
N ASN A 327 -11.79 -17.77 -0.50
CA ASN A 327 -11.08 -18.93 0.07
C ASN A 327 -10.56 -18.66 1.49
N ASN A 328 -9.99 -17.48 1.69
CA ASN A 328 -9.50 -17.07 3.02
C ASN A 328 -10.62 -16.78 4.01
N PHE A 329 -11.72 -16.20 3.52
CA PHE A 329 -12.90 -15.94 4.37
C PHE A 329 -13.52 -17.25 4.89
N LYS A 330 -13.65 -18.23 4.00
CA LYS A 330 -14.16 -19.56 4.38
C LYS A 330 -13.23 -20.32 5.34
N TYR A 331 -11.92 -20.09 5.24
CA TYR A 331 -10.95 -20.70 6.15
C TYR A 331 -11.10 -20.20 7.59
N TRP A 332 -11.21 -18.87 7.76
CA TRP A 332 -11.39 -18.27 9.09
C TRP A 332 -12.68 -18.74 9.78
N LYS A 333 -13.73 -18.96 8.98
CA LYS A 333 -14.99 -19.56 9.46
C LYS A 333 -14.80 -20.99 9.93
N GLY A 334 -14.05 -21.78 9.17
CA GLY A 334 -13.79 -23.20 9.49
C GLY A 334 -12.98 -23.47 10.75
N LEU A 335 -12.19 -22.50 11.20
CA LEU A 335 -11.36 -22.66 12.41
C LEU A 335 -12.11 -22.60 13.76
N ASP A 336 -13.40 -22.28 13.75
CA ASP A 336 -14.20 -22.28 14.98
C ASP A 336 -14.30 -23.69 15.57
N GLU A 337 -14.83 -24.62 14.79
CA GLU A 337 -14.90 -26.05 15.13
C GLU A 337 -15.63 -26.33 16.47
N MET A 338 -16.68 -25.57 16.73
CA MET A 338 -17.46 -25.68 17.98
C MET A 338 -18.94 -25.38 17.74
#